data_4BZZ
#
_entry.id   4BZZ
#
_cell.length_a   140.721
_cell.length_b   140.721
_cell.length_c   82.290
_cell.angle_alpha   90.00
_cell.angle_beta   90.00
_cell.angle_gamma   120.00
#
_symmetry.space_group_name_H-M   'P 6 2 2'
#
loop_
_entity.id
_entity.type
_entity.pdbx_description
1 polymer LIPASE/ESTERASE
2 non-polymer 'ACETATE ION'
3 non-polymer 'SULFATE ION'
4 non-polymer ACETONITRILE
5 water water
#
_entity_poly.entity_id   1
_entity_poly.type   'polypeptide(L)'
_entity_poly.pdbx_seq_one_letter_code
;MQVEQRTLNTAAHPFQITAYWLDQISDFETAVDYPIMIICPGGGFTYHSGREEAPIATRMMAAGMHTVVLNYQLIVGDQS
VYPWALQQLGATIDWITTQASAHHVDCQRIILAGFSAGGHVVATYNGVATQPELRTRYHLDHYQGQHAAIILGYPVIDLT
AGFPTTSAARNQITTDARLWAAQRLVTPASKPAFVWQTATDESVPPINSLKYVQAMLQHQVATAYHLFGSGIHGLALANH
VTQKPGKDKYLNDQAAIWPQLALRWLQEQGLLAGNYHHHHHH
;
_entity_poly.pdbx_strand_id   A
#
loop_
_chem_comp.id
_chem_comp.type
_chem_comp.name
_chem_comp.formula
ACT non-polymer 'ACETATE ION' 'C2 H3 O2 -1'
CCN non-polymer ACETONITRILE 'C2 H3 N'
SO4 non-polymer 'SULFATE ION' 'O4 S -2'
#
# COMPACT_ATOMS: atom_id res chain seq x y z
N MET A 1 14.29 -13.92 -12.63
CA MET A 1 13.34 -12.84 -12.39
C MET A 1 12.75 -12.34 -13.70
N GLN A 2 11.43 -12.19 -13.71
CA GLN A 2 10.72 -11.72 -14.89
C GLN A 2 10.08 -10.40 -14.54
N VAL A 3 9.95 -9.51 -15.52
CA VAL A 3 9.30 -8.22 -15.32
C VAL A 3 8.12 -8.10 -16.27
N GLU A 4 6.93 -7.88 -15.73
CA GLU A 4 5.73 -7.78 -16.56
C GLU A 4 5.13 -6.40 -16.49
N GLN A 5 4.82 -5.82 -17.63
CA GLN A 5 4.13 -4.54 -17.66
C GLN A 5 2.83 -4.67 -18.49
N ARG A 6 1.70 -4.56 -17.81
CA ARG A 6 0.40 -4.86 -18.41
C ARG A 6 -0.63 -3.82 -18.05
N THR A 7 -1.56 -3.59 -18.96
CA THR A 7 -2.81 -2.93 -18.59
C THR A 7 -3.80 -3.99 -18.08
N LEU A 8 -4.43 -3.73 -16.94
CA LEU A 8 -5.57 -4.55 -16.52
C LEU A 8 -6.90 -3.85 -16.85
N ASN A 9 -7.87 -4.60 -17.38
CA ASN A 9 -9.10 -3.98 -17.85
C ASN A 9 -10.37 -4.37 -17.11
N THR A 10 -10.27 -5.29 -16.15
CA THR A 10 -11.44 -5.75 -15.41
C THR A 10 -11.84 -4.80 -14.30
N ALA A 11 -11.95 -3.52 -14.64
CA ALA A 11 -12.37 -2.48 -13.72
C ALA A 11 -12.94 -1.37 -14.60
N ALA A 12 -13.80 -0.53 -14.05
CA ALA A 12 -14.39 0.58 -14.81
C ALA A 12 -13.33 1.43 -15.54
N HIS A 13 -12.31 1.82 -14.79
CA HIS A 13 -11.20 2.59 -15.32
C HIS A 13 -9.99 1.70 -15.35
N PRO A 14 -9.61 1.22 -16.55
CA PRO A 14 -8.45 0.36 -16.75
C PRO A 14 -7.18 1.02 -16.21
N PHE A 15 -6.23 0.22 -15.74
CA PHE A 15 -5.00 0.76 -15.15
C PHE A 15 -3.79 -0.04 -15.57
N GLN A 16 -2.62 0.54 -15.39
CA GLN A 16 -1.37 -0.17 -15.65
C GLN A 16 -0.81 -0.79 -14.37
N ILE A 17 -0.32 -2.02 -14.48
CA ILE A 17 0.48 -2.61 -13.38
C ILE A 17 1.88 -2.98 -13.89
N THR A 18 2.88 -2.92 -13.02
CA THR A 18 4.20 -3.46 -13.34
C THR A 18 4.57 -4.52 -12.31
N ALA A 19 4.60 -5.77 -12.75
CA ALA A 19 4.87 -6.89 -11.84
C ALA A 19 6.31 -7.37 -11.91
N TYR A 20 6.89 -7.65 -10.76
CA TYR A 20 8.24 -8.20 -10.68
C TYR A 20 8.15 -9.62 -10.12
N TRP A 21 8.26 -10.61 -10.99
CA TRP A 21 8.05 -12.00 -10.61
C TRP A 21 9.33 -12.69 -10.17
N LEU A 22 9.28 -13.38 -9.03
CA LEU A 22 10.39 -14.25 -8.62
C LEU A 22 10.42 -15.52 -9.48
N ASP A 23 11.62 -15.94 -9.89
CA ASP A 23 11.75 -17.23 -10.58
C ASP A 23 12.07 -18.33 -9.59
N GLN A 24 11.66 -19.56 -9.91
CA GLN A 24 11.94 -20.69 -9.06
C GLN A 24 13.46 -20.93 -9.08
N ILE A 25 14.03 -21.16 -7.91
CA ILE A 25 15.45 -21.46 -7.83
C ILE A 25 15.74 -22.82 -8.49
N SER A 26 16.75 -22.85 -9.37
CA SER A 26 16.95 -24.03 -10.22
C SER A 26 17.31 -25.29 -9.44
N ASP A 27 18.19 -25.18 -8.46
CA ASP A 27 18.63 -26.36 -7.72
C ASP A 27 17.80 -26.67 -6.48
N PHE A 28 16.49 -26.43 -6.56
CA PHE A 28 15.59 -26.89 -5.52
C PHE A 28 14.96 -28.17 -6.02
N GLU A 29 14.76 -29.12 -5.11
CA GLU A 29 14.03 -30.33 -5.46
C GLU A 29 12.52 -30.04 -5.53
N THR A 30 11.98 -29.36 -4.53
CA THR A 30 10.56 -29.02 -4.55
C THR A 30 10.33 -27.51 -4.78
N ALA A 31 9.21 -27.17 -5.41
CA ALA A 31 8.95 -25.78 -5.75
C ALA A 31 8.26 -25.09 -4.58
N VAL A 32 8.50 -23.79 -4.43
CA VAL A 32 7.90 -23.06 -3.32
C VAL A 32 7.04 -21.90 -3.81
N ASP A 33 5.94 -21.66 -3.09
CA ASP A 33 5.04 -20.56 -3.41
C ASP A 33 5.44 -19.37 -2.56
N TYR A 34 5.68 -18.24 -3.21
CA TYR A 34 6.17 -17.05 -2.54
C TYR A 34 5.03 -16.10 -2.25
N PRO A 35 5.19 -15.24 -1.22
CA PRO A 35 4.21 -14.18 -0.99
C PRO A 35 4.29 -13.12 -2.08
N ILE A 36 3.30 -12.23 -2.13
CA ILE A 36 3.27 -11.15 -3.12
C ILE A 36 2.83 -9.84 -2.45
N MET A 37 3.54 -8.75 -2.75
CA MET A 37 3.19 -7.45 -2.18
C MET A 37 2.83 -6.42 -3.24
N ILE A 38 1.65 -5.83 -3.07
CA ILE A 38 1.17 -4.79 -3.99
C ILE A 38 1.50 -3.42 -3.43
N ILE A 39 2.13 -2.59 -4.26
CA ILE A 39 2.65 -1.31 -3.80
C ILE A 39 1.94 -0.16 -4.50
N CYS A 40 1.45 0.76 -3.68
CA CYS A 40 0.80 1.99 -4.14
C CYS A 40 1.68 3.15 -3.75
N PRO A 41 2.39 3.73 -4.72
CA PRO A 41 3.30 4.85 -4.48
C PRO A 41 2.56 6.13 -4.09
N GLY A 42 3.30 7.16 -3.71
CA GLY A 42 2.70 8.45 -3.38
C GLY A 42 2.72 9.31 -4.62
N GLY A 43 2.40 10.59 -4.47
CA GLY A 43 2.35 11.49 -5.61
C GLY A 43 1.20 12.47 -5.54
N GLY A 44 0.57 12.58 -4.37
CA GLY A 44 -0.45 13.58 -4.12
C GLY A 44 -1.64 13.46 -5.06
N PHE A 45 -1.90 12.23 -5.49
CA PHE A 45 -2.98 11.91 -6.43
C PHE A 45 -2.89 12.60 -7.78
N THR A 46 -1.72 13.16 -8.11
CA THR A 46 -1.51 13.80 -9.41
C THR A 46 -0.46 13.06 -10.25
N TYR A 47 0.24 12.13 -9.61
CA TYR A 47 1.27 11.32 -10.26
C TYR A 47 1.70 10.17 -9.35
N HIS A 48 2.50 9.24 -9.89
CA HIS A 48 3.04 8.13 -9.11
C HIS A 48 4.55 8.26 -8.96
N SER A 49 5.01 8.38 -7.73
CA SER A 49 6.42 8.65 -7.46
C SER A 49 7.32 7.42 -7.66
N GLY A 50 8.22 7.50 -8.64
CA GLY A 50 9.21 6.47 -8.87
C GLY A 50 10.00 6.06 -7.64
N ARG A 51 10.33 7.03 -6.80
CA ARG A 51 11.02 6.78 -5.54
C ARG A 51 10.36 5.72 -4.69
N GLU A 52 9.05 5.61 -4.76
CA GLU A 52 8.31 4.67 -3.92
C GLU A 52 7.84 3.44 -4.70
N GLU A 53 8.42 3.22 -5.87
CA GLU A 53 8.07 2.03 -6.66
C GLU A 53 9.19 0.98 -6.68
N ALA A 54 10.02 0.97 -7.72
CA ALA A 54 11.08 -0.03 -7.83
C ALA A 54 12.12 -0.10 -6.66
N PRO A 55 12.58 1.05 -6.13
CA PRO A 55 13.47 0.92 -4.98
C PRO A 55 12.88 0.13 -3.82
N ILE A 56 11.59 0.30 -3.58
CA ILE A 56 10.92 -0.40 -2.51
C ILE A 56 10.62 -1.84 -2.92
N ALA A 57 10.06 -1.97 -4.14
CA ALA A 57 9.76 -3.28 -4.73
C ALA A 57 10.94 -4.20 -4.64
N THR A 58 12.09 -3.72 -5.13
CA THR A 58 13.34 -4.48 -5.11
C THR A 58 13.73 -4.87 -3.70
N ARG A 59 13.53 -3.94 -2.76
CA ARG A 59 13.88 -4.21 -1.36
C ARG A 59 13.09 -5.39 -0.79
N MET A 60 11.82 -5.45 -1.12
CA MET A 60 10.96 -6.52 -0.63
C MET A 60 11.24 -7.83 -1.37
N MET A 61 11.52 -7.73 -2.67
CA MET A 61 11.91 -8.89 -3.47
C MET A 61 13.11 -9.61 -2.88
N ALA A 62 14.08 -8.83 -2.37
CA ALA A 62 15.26 -9.40 -1.72
C ALA A 62 14.92 -10.30 -0.54
N ALA A 63 13.76 -10.09 0.05
CA ALA A 63 13.32 -10.92 1.16
C ALA A 63 12.47 -12.09 0.69
N GLY A 64 12.40 -12.27 -0.63
CA GLY A 64 11.77 -13.46 -1.18
C GLY A 64 10.27 -13.38 -1.34
N MET A 65 9.81 -12.33 -2.02
CA MET A 65 8.41 -12.18 -2.38
C MET A 65 8.29 -11.49 -3.74
N HIS A 66 7.29 -11.90 -4.52
CA HIS A 66 6.94 -11.20 -5.75
C HIS A 66 6.42 -9.81 -5.37
N THR A 67 6.56 -8.84 -6.27
CA THR A 67 5.92 -7.54 -6.08
C THR A 67 5.17 -7.05 -7.32
N VAL A 68 4.06 -6.34 -7.10
CA VAL A 68 3.35 -5.70 -8.20
C VAL A 68 3.17 -4.22 -7.86
N VAL A 69 3.49 -3.34 -8.82
CA VAL A 69 3.29 -1.91 -8.62
C VAL A 69 2.04 -1.44 -9.34
N LEU A 70 1.09 -0.93 -8.57
CA LEU A 70 -0.22 -0.57 -9.07
C LEU A 70 -0.35 0.91 -9.40
N ASN A 71 -0.72 1.24 -10.64
CA ASN A 71 -0.92 2.64 -11.00
C ASN A 71 -2.34 3.14 -10.72
N TYR A 72 -2.71 3.26 -9.44
CA TYR A 72 -4.07 3.65 -9.06
C TYR A 72 -4.53 4.96 -9.67
N GLN A 73 -5.85 5.12 -9.78
CA GLN A 73 -6.47 6.28 -10.40
C GLN A 73 -6.00 7.61 -9.83
N LEU A 74 -5.85 8.61 -10.69
CA LEU A 74 -5.37 9.92 -10.27
C LEU A 74 -6.34 11.03 -10.66
N ILE A 75 -6.13 12.19 -10.07
CA ILE A 75 -6.88 13.41 -10.34
C ILE A 75 -6.77 13.90 -11.80
N VAL A 76 -5.67 13.53 -12.48
CA VAL A 76 -5.44 14.00 -13.85
C VAL A 76 -6.64 13.79 -14.78
N GLY A 77 -6.92 14.81 -15.58
CA GLY A 77 -8.15 14.88 -16.34
C GLY A 77 -9.07 15.72 -15.50
N ASP A 78 -10.31 15.30 -15.38
CA ASP A 78 -11.16 15.88 -14.35
C ASP A 78 -11.61 14.72 -13.49
N GLN A 79 -10.81 13.66 -13.49
CA GLN A 79 -11.20 12.42 -12.85
C GLN A 79 -11.01 12.49 -11.34
N SER A 80 -11.76 11.68 -10.60
N SER A 80 -11.74 11.66 -10.61
CA SER A 80 -11.56 11.58 -9.17
CA SER A 80 -11.56 11.56 -9.17
C SER A 80 -10.86 10.26 -8.86
C SER A 80 -10.85 10.24 -8.85
N VAL A 81 -10.25 10.16 -7.68
CA VAL A 81 -9.56 8.94 -7.30
C VAL A 81 -10.54 7.83 -6.96
N TYR A 82 -11.58 8.19 -6.19
CA TYR A 82 -12.57 7.23 -5.73
C TYR A 82 -13.85 7.33 -6.55
N PRO A 83 -14.63 6.23 -6.64
CA PRO A 83 -14.40 4.89 -6.08
C PRO A 83 -13.43 4.05 -6.90
N TRP A 84 -13.07 4.52 -8.09
CA TRP A 84 -12.32 3.74 -9.06
C TRP A 84 -11.07 3.05 -8.49
N ALA A 85 -10.29 3.75 -7.67
CA ALA A 85 -9.06 3.17 -7.13
C ALA A 85 -9.30 1.90 -6.30
N LEU A 86 -10.44 1.82 -5.65
CA LEU A 86 -10.75 0.64 -4.84
C LEU A 86 -11.07 -0.55 -5.75
N GLN A 87 -11.75 -0.26 -6.85
CA GLN A 87 -12.07 -1.27 -7.83
C GLN A 87 -10.78 -1.85 -8.43
N GLN A 88 -9.74 -1.01 -8.49
CA GLN A 88 -8.50 -1.38 -9.14
C GLN A 88 -7.64 -2.24 -8.24
N LEU A 89 -7.65 -1.93 -6.95
CA LEU A 89 -6.95 -2.75 -5.98
C LEU A 89 -7.55 -4.14 -5.95
N GLY A 90 -8.85 -4.22 -6.11
CA GLY A 90 -9.53 -5.49 -6.09
C GLY A 90 -9.23 -6.27 -7.35
N ALA A 91 -9.21 -5.57 -8.49
CA ALA A 91 -8.92 -6.20 -9.76
C ALA A 91 -7.51 -6.81 -9.73
N THR A 92 -6.55 -6.03 -9.25
CA THR A 92 -5.16 -6.48 -9.13
C THR A 92 -5.06 -7.79 -8.33
N ILE A 93 -5.63 -7.78 -7.13
CA ILE A 93 -5.66 -8.98 -6.31
C ILE A 93 -6.29 -10.15 -7.06
N ASP A 94 -7.40 -9.91 -7.73
CA ASP A 94 -8.13 -10.95 -8.44
C ASP A 94 -7.22 -11.51 -9.53
N TRP A 95 -6.57 -10.62 -10.25
CA TRP A 95 -5.68 -10.98 -11.35
C TRP A 95 -4.51 -11.84 -10.86
N ILE A 96 -4.00 -11.51 -9.68
CA ILE A 96 -2.93 -12.27 -9.06
C ILE A 96 -3.37 -13.71 -8.86
N THR A 97 -4.58 -13.89 -8.32
CA THR A 97 -5.12 -15.24 -8.11
C THR A 97 -5.08 -16.05 -9.40
N THR A 98 -5.41 -15.41 -10.52
CA THR A 98 -5.33 -16.08 -11.82
C THR A 98 -3.89 -16.30 -12.32
N GLN A 99 -2.91 -15.71 -11.65
CA GLN A 99 -1.51 -15.88 -12.04
C GLN A 99 -0.75 -16.79 -11.10
N ALA A 100 -1.44 -17.35 -10.11
CA ALA A 100 -0.78 -18.14 -9.06
C ALA A 100 -0.06 -19.41 -9.56
N SER A 101 -0.74 -20.22 -10.38
CA SER A 101 -0.12 -21.38 -11.00
C SER A 101 1.17 -21.04 -11.79
N ALA A 102 1.06 -20.07 -12.69
CA ALA A 102 2.16 -19.71 -13.57
C ALA A 102 3.38 -19.16 -12.82
N HIS A 103 3.17 -18.57 -11.65
CA HIS A 103 4.25 -17.87 -10.97
C HIS A 103 4.52 -18.31 -9.53
N HIS A 104 3.87 -19.37 -9.08
CA HIS A 104 4.00 -19.82 -7.70
C HIS A 104 3.71 -18.70 -6.69
N VAL A 105 2.44 -18.36 -6.53
CA VAL A 105 2.06 -17.26 -5.65
C VAL A 105 1.18 -17.76 -4.49
N ASP A 106 1.58 -17.44 -3.26
CA ASP A 106 0.84 -17.88 -2.07
C ASP A 106 -0.28 -16.91 -1.72
N CYS A 107 -1.49 -17.25 -2.14
CA CYS A 107 -2.62 -16.32 -2.05
C CYS A 107 -3.08 -16.09 -0.61
N GLN A 108 -2.60 -16.93 0.30
CA GLN A 108 -2.77 -16.71 1.73
C GLN A 108 -1.79 -15.65 2.23
N ARG A 109 -0.93 -15.14 1.35
CA ARG A 109 0.00 -14.08 1.70
C ARG A 109 0.08 -12.94 0.70
N ILE A 110 -1.07 -12.35 0.36
CA ILE A 110 -1.07 -11.13 -0.43
C ILE A 110 -1.02 -9.95 0.51
N ILE A 111 -0.11 -9.01 0.26
CA ILE A 111 0.10 -7.90 1.17
C ILE A 111 -0.01 -6.59 0.44
N LEU A 112 -0.50 -5.55 1.11
CA LEU A 112 -0.69 -4.26 0.46
C LEU A 112 0.21 -3.21 1.09
N ALA A 113 0.93 -2.47 0.26
CA ALA A 113 1.82 -1.44 0.75
C ALA A 113 1.37 -0.07 0.22
N GLY A 114 1.36 0.92 1.10
CA GLY A 114 0.91 2.25 0.70
C GLY A 114 1.86 3.31 1.18
N PHE A 115 2.09 4.32 0.35
CA PHE A 115 2.98 5.41 0.74
C PHE A 115 2.32 6.73 0.45
N SER A 116 2.37 7.63 1.43
CA SER A 116 1.73 8.94 1.33
C SER A 116 0.31 8.85 0.77
N ALA A 117 0.09 9.42 -0.41
CA ALA A 117 -1.21 9.36 -1.06
C ALA A 117 -1.65 7.92 -1.33
N GLY A 118 -0.70 7.05 -1.61
CA GLY A 118 -1.02 5.67 -1.92
C GLY A 118 -1.46 4.95 -0.66
N GLY A 119 -1.14 5.54 0.49
CA GLY A 119 -1.49 4.96 1.78
C GLY A 119 -2.97 5.09 2.04
N HIS A 120 -3.55 6.18 1.52
CA HIS A 120 -4.99 6.37 1.66
C HIS A 120 -5.74 5.26 0.94
N VAL A 121 -5.36 5.00 -0.31
CA VAL A 121 -5.99 3.94 -1.09
C VAL A 121 -5.91 2.61 -0.35
N VAL A 122 -4.77 2.32 0.25
CA VAL A 122 -4.58 1.04 0.93
C VAL A 122 -5.39 1.00 2.21
N ALA A 123 -5.26 2.04 3.03
CA ALA A 123 -5.96 2.09 4.31
C ALA A 123 -7.46 2.01 4.12
N THR A 124 -7.96 2.71 3.12
CA THR A 124 -9.39 2.69 2.81
C THR A 124 -9.79 1.29 2.38
N TYR A 125 -8.98 0.68 1.52
CA TYR A 125 -9.29 -0.65 1.01
C TYR A 125 -9.37 -1.66 2.15
N ASN A 126 -8.43 -1.56 3.08
CA ASN A 126 -8.41 -2.45 4.24
C ASN A 126 -9.72 -2.38 5.02
N GLY A 127 -10.35 -1.22 4.99
CA GLY A 127 -11.68 -1.08 5.57
C GLY A 127 -12.80 -1.61 4.67
N VAL A 128 -12.85 -1.15 3.42
CA VAL A 128 -13.93 -1.52 2.51
C VAL A 128 -13.95 -3.01 2.17
N ALA A 129 -12.85 -3.52 1.63
CA ALA A 129 -12.82 -4.91 1.15
C ALA A 129 -13.14 -5.99 2.18
N THR A 130 -13.14 -5.63 3.47
CA THR A 130 -13.35 -6.58 4.55
C THR A 130 -14.76 -6.48 5.11
N GLN A 131 -15.57 -5.62 4.52
CA GLN A 131 -16.92 -5.35 4.97
C GLN A 131 -17.93 -5.59 3.85
N PRO A 132 -18.59 -6.77 3.86
CA PRO A 132 -19.58 -7.20 2.86
C PRO A 132 -20.48 -6.06 2.36
N GLU A 133 -20.98 -5.25 3.28
CA GLU A 133 -21.83 -4.11 2.92
C GLU A 133 -21.08 -3.14 2.01
N LEU A 134 -19.78 -3.00 2.20
CA LEU A 134 -19.03 -2.00 1.46
C LEU A 134 -18.43 -2.54 0.17
N ARG A 135 -18.27 -3.85 0.09
CA ARG A 135 -17.85 -4.48 -1.14
C ARG A 135 -18.95 -4.30 -2.14
N THR A 136 -20.19 -4.39 -1.67
CA THR A 136 -21.36 -4.25 -2.53
C THR A 136 -21.51 -2.81 -2.99
N ARG A 137 -21.41 -1.88 -2.03
CA ARG A 137 -21.52 -0.45 -2.30
C ARG A 137 -20.48 0.08 -3.28
N TYR A 138 -19.26 -0.45 -3.17
CA TYR A 138 -18.15 0.07 -3.95
C TYR A 138 -17.74 -0.89 -5.07
N HIS A 139 -18.66 -1.79 -5.40
CA HIS A 139 -18.57 -2.62 -6.59
C HIS A 139 -17.38 -3.59 -6.63
N LEU A 140 -17.17 -4.36 -5.56
CA LEU A 140 -16.11 -5.37 -5.53
C LEU A 140 -16.68 -6.78 -5.66
N ASP A 141 -17.94 -6.88 -6.06
CA ASP A 141 -18.57 -8.16 -6.31
C ASP A 141 -17.70 -9.01 -7.24
N HIS A 142 -17.64 -10.30 -6.95
CA HIS A 142 -16.98 -11.29 -7.82
C HIS A 142 -15.49 -11.16 -8.07
N TYR A 143 -14.80 -10.30 -7.32
CA TYR A 143 -13.36 -10.24 -7.38
C TYR A 143 -12.81 -11.28 -6.43
N GLN A 144 -12.05 -12.23 -6.94
CA GLN A 144 -11.43 -13.25 -6.13
C GLN A 144 -10.25 -12.69 -5.34
N GLY A 145 -9.78 -13.48 -4.37
CA GLY A 145 -8.66 -13.08 -3.55
C GLY A 145 -9.04 -12.15 -2.40
N GLN A 146 -8.14 -12.08 -1.42
CA GLN A 146 -8.23 -11.11 -0.34
C GLN A 146 -6.83 -10.96 0.24
N HIS A 147 -6.47 -9.74 0.58
CA HIS A 147 -5.17 -9.46 1.14
C HIS A 147 -5.11 -9.94 2.60
N ALA A 148 -3.90 -10.03 3.14
CA ALA A 148 -3.67 -10.65 4.44
C ALA A 148 -3.25 -9.63 5.49
N ALA A 149 -2.52 -8.62 5.03
CA ALA A 149 -2.07 -7.53 5.89
C ALA A 149 -1.72 -6.33 5.02
N ILE A 150 -1.57 -5.17 5.66
CA ILE A 150 -1.21 -3.96 4.93
C ILE A 150 -0.03 -3.28 5.59
N ILE A 151 0.67 -2.47 4.80
CA ILE A 151 1.81 -1.71 5.29
C ILE A 151 1.66 -0.26 4.85
N LEU A 152 1.67 0.65 5.81
CA LEU A 152 1.51 2.07 5.49
C LEU A 152 2.77 2.85 5.84
N GLY A 153 3.32 3.53 4.85
CA GLY A 153 4.46 4.39 5.06
C GLY A 153 4.03 5.83 4.91
N TYR A 154 4.24 6.62 5.96
CA TYR A 154 3.74 7.99 6.04
C TYR A 154 2.43 8.25 5.32
N PRO A 155 1.38 7.51 5.69
CA PRO A 155 0.13 7.51 4.93
C PRO A 155 -0.75 8.73 5.10
N VAL A 156 -1.44 9.11 4.03
CA VAL A 156 -2.56 10.05 4.16
C VAL A 156 -3.80 9.28 4.61
N ILE A 157 -4.40 9.66 5.72
CA ILE A 157 -5.46 8.86 6.33
C ILE A 157 -6.82 9.57 6.33
N ASP A 158 -6.85 10.78 6.88
CA ASP A 158 -8.07 11.60 6.93
C ASP A 158 -7.82 12.81 6.03
N LEU A 159 -8.75 13.08 5.11
CA LEU A 159 -8.54 14.16 4.15
C LEU A 159 -8.86 15.52 4.78
N THR A 160 -9.40 15.48 5.99
CA THR A 160 -9.73 16.70 6.70
C THR A 160 -8.66 17.00 7.74
N ALA A 161 -7.54 16.28 7.63
CA ALA A 161 -6.53 16.24 8.70
C ALA A 161 -5.19 16.91 8.40
N GLY A 162 -5.12 17.66 7.31
CA GLY A 162 -3.87 18.34 6.97
C GLY A 162 -3.50 18.25 5.51
N PHE A 163 -3.71 17.07 4.92
CA PHE A 163 -3.51 16.94 3.49
C PHE A 163 -4.78 16.42 2.85
N PRO A 164 -5.26 17.11 1.79
CA PRO A 164 -4.65 18.32 1.23
C PRO A 164 -5.10 19.58 1.95
N THR A 165 -4.70 20.74 1.46
CA THR A 165 -4.89 21.99 2.20
C THR A 165 -6.21 22.75 1.96
N THR A 166 -6.92 22.44 0.88
CA THR A 166 -8.12 23.20 0.55
C THR A 166 -9.30 22.30 0.29
N SER A 167 -10.48 22.76 0.69
CA SER A 167 -11.69 21.96 0.53
C SER A 167 -11.98 21.59 -0.92
N ALA A 168 -11.50 22.38 -1.87
CA ALA A 168 -11.63 22.03 -3.29
C ALA A 168 -10.81 20.78 -3.61
N ALA A 169 -9.56 20.75 -3.16
CA ALA A 169 -8.65 19.63 -3.43
C ALA A 169 -9.17 18.34 -2.83
N ARG A 170 -9.73 18.43 -1.63
CA ARG A 170 -10.29 17.26 -0.95
C ARG A 170 -11.43 16.67 -1.74
N ASN A 171 -12.28 17.52 -2.29
CA ASN A 171 -13.43 17.04 -3.05
C ASN A 171 -13.05 16.58 -4.46
N GLN A 172 -11.91 17.07 -4.93
CA GLN A 172 -11.45 16.68 -6.26
C GLN A 172 -10.94 15.26 -6.23
N ILE A 173 -10.38 14.88 -5.08
CA ILE A 173 -10.01 13.49 -4.84
C ILE A 173 -11.27 12.66 -4.81
N THR A 174 -12.22 13.07 -3.96
CA THR A 174 -13.53 12.43 -3.89
C THR A 174 -14.62 13.33 -3.29
N THR A 175 -15.82 13.26 -3.84
CA THR A 175 -16.97 13.93 -3.23
C THR A 175 -17.64 13.01 -2.21
N ASP A 176 -17.16 11.77 -2.14
CA ASP A 176 -17.70 10.77 -1.22
C ASP A 176 -17.05 10.93 0.16
N ALA A 177 -17.73 11.64 1.06
CA ALA A 177 -17.13 11.92 2.37
C ALA A 177 -17.05 10.70 3.27
N ARG A 178 -17.67 9.59 2.88
CA ARG A 178 -17.54 8.37 3.64
C ARG A 178 -16.12 7.78 3.47
N LEU A 179 -15.46 8.16 2.39
CA LEU A 179 -14.11 7.68 2.14
C LEU A 179 -13.03 8.67 2.58
N TRP A 180 -13.45 9.86 3.00
CA TRP A 180 -12.50 10.88 3.43
C TRP A 180 -11.62 10.42 4.57
N ALA A 181 -12.20 9.68 5.52
CA ALA A 181 -11.47 9.32 6.73
C ALA A 181 -11.35 7.81 6.92
N ALA A 182 -10.15 7.28 6.68
CA ALA A 182 -9.96 5.83 6.59
C ALA A 182 -10.04 5.15 7.94
N GLN A 183 -9.76 5.92 8.99
CA GLN A 183 -9.81 5.40 10.35
C GLN A 183 -11.25 5.17 10.83
N ARG A 184 -12.21 5.85 10.19
CA ARG A 184 -13.62 5.72 10.56
C ARG A 184 -14.23 4.49 9.90
N LEU A 185 -13.44 3.83 9.05
CA LEU A 185 -13.87 2.62 8.33
C LEU A 185 -13.25 1.35 8.93
N VAL A 186 -12.43 1.50 9.96
CA VAL A 186 -11.83 0.34 10.61
C VAL A 186 -12.87 -0.43 11.42
N THR A 187 -12.93 -1.74 11.23
CA THR A 187 -13.74 -2.61 12.09
C THR A 187 -12.87 -3.83 12.43
N PRO A 188 -13.31 -4.69 13.37
CA PRO A 188 -12.51 -5.88 13.71
C PRO A 188 -12.10 -6.76 12.53
N ALA A 189 -12.74 -6.58 11.38
CA ALA A 189 -12.56 -7.42 10.22
C ALA A 189 -11.38 -6.95 9.38
N SER A 190 -10.96 -5.71 9.65
CA SER A 190 -9.76 -5.15 9.05
C SER A 190 -8.55 -6.07 9.29
N LYS A 191 -7.70 -6.15 8.27
CA LYS A 191 -6.50 -6.97 8.32
C LYS A 191 -5.45 -6.19 9.08
N PRO A 192 -4.43 -6.89 9.60
CA PRO A 192 -3.38 -6.26 10.43
C PRO A 192 -2.53 -5.27 9.67
N ALA A 193 -1.98 -4.30 10.37
CA ALA A 193 -1.35 -3.15 9.73
C ALA A 193 -0.02 -2.80 10.36
N PHE A 194 1.01 -2.70 9.53
CA PHE A 194 2.31 -2.16 9.95
C PHE A 194 2.37 -0.69 9.52
N VAL A 195 2.49 0.22 10.47
CA VAL A 195 2.40 1.63 10.16
C VAL A 195 3.65 2.33 10.63
N TRP A 196 4.17 3.24 9.80
CA TRP A 196 5.28 4.08 10.24
C TRP A 196 5.19 5.48 9.63
N GLN A 197 5.80 6.45 10.30
CA GLN A 197 5.88 7.81 9.82
C GLN A 197 6.99 8.52 10.59
N THR A 198 7.27 9.76 10.24
CA THR A 198 8.17 10.58 11.03
C THR A 198 7.34 11.61 11.78
N ALA A 199 7.79 11.98 12.98
CA ALA A 199 7.03 12.90 13.81
C ALA A 199 7.09 14.32 13.26
N THR A 200 8.09 14.59 12.42
CA THR A 200 8.34 15.93 11.91
C THR A 200 7.81 16.10 10.49
N ASP A 201 6.96 15.17 10.08
CA ASP A 201 6.26 15.27 8.81
C ASP A 201 5.41 16.55 8.79
N GLU A 202 5.54 17.34 7.74
CA GLU A 202 4.80 18.61 7.66
C GLU A 202 3.72 18.67 6.57
N SER A 203 3.94 17.99 5.44
CA SER A 203 2.94 17.99 4.37
C SER A 203 1.77 17.03 4.67
N VAL A 204 2.06 15.92 5.35
CA VAL A 204 1.02 15.02 5.84
C VAL A 204 1.19 14.75 7.35
N PRO A 205 0.57 15.58 8.20
CA PRO A 205 0.72 15.55 9.65
C PRO A 205 0.71 14.15 10.26
N PRO A 206 1.56 13.93 11.27
CA PRO A 206 1.71 12.62 11.92
C PRO A 206 0.39 12.15 12.50
N ILE A 207 -0.47 13.11 12.85
CA ILE A 207 -1.81 12.81 13.33
C ILE A 207 -2.52 11.77 12.45
N ASN A 208 -2.33 11.84 11.12
CA ASN A 208 -2.95 10.87 10.21
C ASN A 208 -2.71 9.41 10.59
N SER A 209 -1.45 9.00 10.63
CA SER A 209 -1.12 7.61 10.99
C SER A 209 -1.63 7.25 12.37
N LEU A 210 -1.44 8.18 13.30
CA LEU A 210 -1.79 7.94 14.69
C LEU A 210 -3.26 7.57 14.83
N LYS A 211 -4.13 8.41 14.27
CA LYS A 211 -5.58 8.18 14.27
C LYS A 211 -5.96 6.80 13.72
N TYR A 212 -5.31 6.38 12.66
CA TYR A 212 -5.52 5.04 12.11
C TYR A 212 -5.15 3.96 13.13
N VAL A 213 -3.94 4.04 13.65
CA VAL A 213 -3.47 3.08 14.63
C VAL A 213 -4.41 3.02 15.83
N GLN A 214 -4.80 4.20 16.30
CA GLN A 214 -5.74 4.31 17.40
C GLN A 214 -7.03 3.55 17.10
N ALA A 215 -7.45 3.58 15.85
CA ALA A 215 -8.70 2.91 15.45
C ALA A 215 -8.51 1.40 15.42
N MET A 216 -7.31 0.96 15.04
CA MET A 216 -7.05 -0.47 14.96
C MET A 216 -7.01 -1.05 16.36
N LEU A 217 -6.36 -0.35 17.28
CA LEU A 217 -6.30 -0.82 18.66
C LEU A 217 -7.70 -0.95 19.25
N GLN A 218 -8.48 0.12 19.13
CA GLN A 218 -9.82 0.17 19.67
C GLN A 218 -10.80 -0.84 19.06
N HIS A 219 -10.45 -1.38 17.89
CA HIS A 219 -11.23 -2.47 17.31
C HIS A 219 -10.51 -3.81 17.44
N GLN A 220 -9.55 -3.88 18.35
CA GLN A 220 -8.79 -5.10 18.63
C GLN A 220 -8.23 -5.78 17.38
N VAL A 221 -7.58 -5.00 16.53
CA VAL A 221 -6.92 -5.53 15.33
C VAL A 221 -5.43 -5.39 15.50
N ALA A 222 -4.70 -6.42 15.12
CA ALA A 222 -3.26 -6.47 15.35
C ALA A 222 -2.54 -5.40 14.55
N THR A 223 -1.78 -4.55 15.23
CA THR A 223 -1.05 -3.50 14.53
C THR A 223 0.30 -3.19 15.19
N ALA A 224 1.20 -2.60 14.40
CA ALA A 224 2.53 -2.22 14.88
C ALA A 224 2.83 -0.82 14.33
N TYR A 225 3.35 0.08 15.15
CA TYR A 225 3.45 1.48 14.75
C TYR A 225 4.82 2.06 15.07
N HIS A 226 5.50 2.55 14.05
CA HIS A 226 6.79 3.17 14.28
C HIS A 226 6.82 4.63 13.84
N LEU A 227 6.77 5.51 14.83
CA LEU A 227 6.88 6.94 14.59
C LEU A 227 8.28 7.40 14.92
N PHE A 228 9.12 7.50 13.88
CA PHE A 228 10.49 8.00 14.06
C PHE A 228 10.54 9.49 14.40
N GLY A 229 11.45 9.86 15.30
CA GLY A 229 11.46 11.21 15.84
C GLY A 229 11.83 12.36 14.92
N SER A 230 12.28 12.05 13.71
CA SER A 230 12.76 13.08 12.79
C SER A 230 12.66 12.65 11.32
N GLY A 231 12.83 13.60 10.42
CA GLY A 231 12.81 13.32 9.00
C GLY A 231 11.65 13.96 8.28
N ILE A 232 11.86 14.32 7.02
CA ILE A 232 10.80 14.92 6.22
C ILE A 232 9.79 13.87 5.72
N HIS A 233 8.79 14.36 4.99
CA HIS A 233 7.78 13.52 4.35
C HIS A 233 8.38 12.90 3.09
N GLY A 234 8.05 11.64 2.83
CA GLY A 234 8.47 10.99 1.60
C GLY A 234 9.93 10.57 1.62
N LEU A 235 10.35 10.00 2.75
CA LEU A 235 11.72 9.52 2.93
C LEU A 235 11.96 8.25 2.12
N ALA A 236 10.88 7.53 1.80
CA ALA A 236 10.96 6.26 1.09
C ALA A 236 11.83 5.23 1.82
N LEU A 237 12.96 4.87 1.20
CA LEU A 237 13.90 3.94 1.81
C LEU A 237 14.80 4.66 2.84
N ALA A 238 14.76 5.99 2.85
CA ALA A 238 15.52 6.83 3.78
C ALA A 238 17.03 6.73 3.62
N ASN A 239 17.47 6.08 2.57
CA ASN A 239 18.91 5.95 2.29
C ASN A 239 19.32 6.47 0.92
N HIS A 240 20.55 6.16 0.52
CA HIS A 240 21.14 6.68 -0.72
C HIS A 240 20.37 6.29 -1.98
N VAL A 241 19.63 5.21 -1.92
CA VAL A 241 18.96 4.68 -3.09
C VAL A 241 17.82 5.60 -3.55
N THR A 242 17.02 6.08 -2.59
CA THR A 242 15.92 7.00 -2.90
C THR A 242 16.22 8.46 -2.55
N GLN A 243 17.50 8.78 -2.33
CA GLN A 243 17.88 10.14 -1.99
C GLN A 243 17.98 10.98 -3.26
N LYS A 244 17.19 12.06 -3.35
CA LYS A 244 17.35 13.01 -4.45
C LYS A 244 18.76 13.60 -4.41
N PRO A 245 19.47 13.57 -5.55
CA PRO A 245 20.88 13.99 -5.65
C PRO A 245 21.19 15.35 -5.02
N GLY A 246 22.08 15.35 -4.03
CA GLY A 246 22.50 16.57 -3.38
C GLY A 246 21.78 16.86 -2.08
N LYS A 247 20.51 16.45 -1.99
CA LYS A 247 19.64 16.84 -0.87
C LYS A 247 19.66 15.86 0.31
N ASP A 248 20.35 16.24 1.37
CA ASP A 248 20.57 15.37 2.53
C ASP A 248 19.31 15.19 3.37
N LYS A 249 18.27 15.97 3.07
CA LYS A 249 17.02 15.91 3.84
C LYS A 249 16.23 14.62 3.57
N TYR A 250 16.66 13.87 2.56
CA TYR A 250 16.09 12.56 2.25
C TYR A 250 16.86 11.40 2.87
N LEU A 251 17.79 11.73 3.77
CA LEU A 251 18.53 10.70 4.50
C LEU A 251 18.16 10.68 5.98
N ASN A 252 17.68 9.54 6.46
CA ASN A 252 17.42 9.33 7.87
C ASN A 252 17.86 7.93 8.27
N ASP A 253 18.95 7.83 9.02
CA ASP A 253 19.53 6.53 9.25
C ASP A 253 18.73 5.72 10.25
N GLN A 254 17.90 6.39 11.05
CA GLN A 254 17.05 5.63 11.97
C GLN A 254 15.74 5.17 11.31
N ALA A 255 15.15 6.03 10.51
CA ALA A 255 13.96 5.64 9.77
C ALA A 255 14.29 4.52 8.76
N ALA A 256 15.55 4.47 8.34
CA ALA A 256 15.97 3.54 7.30
C ALA A 256 15.89 2.06 7.70
N ILE A 257 15.63 1.77 8.98
CA ILE A 257 15.44 0.38 9.40
C ILE A 257 14.01 -0.08 9.25
N TRP A 258 13.14 0.78 8.74
CA TRP A 258 11.76 0.37 8.62
C TRP A 258 11.56 -0.93 7.83
N PRO A 259 12.26 -1.11 6.68
CA PRO A 259 12.04 -2.38 5.98
C PRO A 259 12.37 -3.60 6.82
N GLN A 260 13.50 -3.59 7.53
CA GLN A 260 13.87 -4.70 8.39
C GLN A 260 12.79 -4.97 9.43
N LEU A 261 12.23 -3.92 10.01
CA LEU A 261 11.14 -4.07 10.98
C LEU A 261 9.92 -4.67 10.33
N ALA A 262 9.52 -4.09 9.20
CA ALA A 262 8.35 -4.56 8.47
C ALA A 262 8.45 -6.04 8.14
N LEU A 263 9.60 -6.43 7.56
CA LEU A 263 9.82 -7.84 7.21
C LEU A 263 9.75 -8.75 8.44
N ARG A 264 10.38 -8.34 9.53
CA ARG A 264 10.31 -9.13 10.74
C ARG A 264 8.86 -9.24 11.21
N TRP A 265 8.12 -8.14 11.10
CA TRP A 265 6.69 -8.13 11.42
C TRP A 265 5.89 -9.12 10.56
N LEU A 266 6.14 -9.13 9.24
CA LEU A 266 5.50 -10.11 8.36
C LEU A 266 5.74 -11.57 8.82
N GLN A 267 6.98 -11.88 9.19
CA GLN A 267 7.30 -13.18 9.78
C GLN A 267 6.46 -13.51 11.02
N GLU A 268 6.29 -12.53 11.91
CA GLU A 268 5.56 -12.72 13.16
C GLU A 268 4.13 -13.08 12.88
N GLN A 269 3.59 -12.48 11.83
CA GLN A 269 2.21 -12.66 11.43
C GLN A 269 2.05 -13.93 10.60
N GLY A 270 3.14 -14.66 10.37
CA GLY A 270 3.10 -15.87 9.58
C GLY A 270 2.90 -15.62 8.09
N LEU A 271 3.35 -14.46 7.62
CA LEU A 271 3.09 -14.07 6.23
C LEU A 271 4.36 -14.03 5.40
N LEU A 272 5.45 -14.54 5.98
CA LEU A 272 6.74 -14.60 5.33
C LEU A 272 7.50 -15.66 6.10
N ALA A 273 8.13 -16.59 5.38
CA ALA A 273 8.90 -17.64 6.02
C ALA A 273 9.98 -17.06 6.95
N GLY A 274 10.22 -17.72 8.08
CA GLY A 274 11.13 -17.22 9.09
C GLY A 274 12.45 -17.96 9.18
N ASN A 275 13.49 -17.26 9.63
CA ASN A 275 14.85 -17.81 9.60
C ASN A 275 15.21 -18.64 10.84
N TYR A 276 14.36 -18.93 11.69
C ACT B . 3.05 12.98 -1.78
O ACT B . 1.87 12.62 -1.97
OXT ACT B . 3.87 12.04 -1.71
CH3 ACT B . 3.45 14.43 -1.62
C ACT C . 5.93 -21.42 5.91
O ACT C . 6.14 -20.23 5.61
OXT ACT C . 6.12 -21.73 7.11
CH3 ACT C . 5.47 -22.42 4.89
C ACT D . 15.82 -9.37 4.32
O ACT D . 15.66 -8.72 3.26
OXT ACT D . 16.34 -8.74 5.28
CH3 ACT D . 15.41 -10.81 4.41
S SO4 E . 7.95 17.96 5.16
O1 SO4 E . 8.70 17.87 3.91
O2 SO4 E . 8.50 19.03 5.99
O3 SO4 E . 8.04 16.70 5.89
O4 SO4 E . 6.55 18.23 4.85
S SO4 F . -3.47 -14.43 -18.85
O1 SO4 F . -4.47 -15.15 -19.63
O2 SO4 F . -2.27 -14.21 -19.66
O3 SO4 F . -3.08 -15.21 -17.69
O4 SO4 F . -4.05 -13.14 -18.45
S SO4 G . 12.75 18.76 -3.25
O1 SO4 G . 11.39 19.05 -3.71
O2 SO4 G . 13.66 18.85 -4.39
O3 SO4 G . 12.78 17.41 -2.71
O4 SO4 G . 13.14 19.72 -2.22
S SO4 H . -16.01 20.44 2.87
O1 SO4 H . -16.25 21.56 1.95
O2 SO4 H . -15.57 20.96 4.15
O3 SO4 H . -14.95 19.60 2.31
O4 SO4 H . -17.23 19.66 3.03
N CCN I . 19.91 19.28 2.16
C1 CCN I . 19.05 19.78 1.59
C2 CCN I . 17.94 20.44 0.81
#